data_6FHU
#
_entry.id   6FHU
#
_cell.length_a   73.385
_cell.length_b   73.385
_cell.length_c   99.671
_cell.angle_alpha   90.00
_cell.angle_beta   90.00
_cell.angle_gamma   90.00
#
_symmetry.space_group_name_H-M   'P 43 21 2'
#
loop_
_entity.id
_entity.type
_entity.pdbx_description
1 polymer 'Bromodomain adjacent to zinc finger domain protein 2A'
2 polymer ALA-ARG-TAM
3 non-polymer 'ZINC ION'
4 non-polymer 'PHOSPHATE ION'
5 non-polymer GLYCEROL
6 water water
#
loop_
_entity_poly.entity_id
_entity_poly.type
_entity_poly.pdbx_seq_one_letter_code
_entity_poly.pdbx_strand_id
1 'polypeptide(L)' HMSVNKVTCLVCRKGDNDEFLLLCDGCDRGCHIYCHRPKMEAVPEGDWFCTVCLAQQV A,B,C,D
2 'polypeptide(L)' AR(9AT) F,H,G
#
loop_
_chem_comp.id
_chem_comp.type
_chem_comp.name
_chem_comp.formula
GOL non-polymer GLYCEROL 'C3 H8 O3'
PO4 non-polymer 'PHOSPHATE ION' 'O4 P -3'
ZN non-polymer 'ZINC ION' 'Zn 2'
#
# COMPACT_ATOMS: atom_id res chain seq x y z
N VAL A 7 1.77 7.96 -23.71
CA VAL A 7 1.43 8.50 -22.35
C VAL A 7 0.79 9.89 -22.41
N THR A 8 -0.23 10.06 -21.58
CA THR A 8 -1.02 11.27 -21.50
C THR A 8 -1.19 11.70 -20.02
N CYS A 9 -1.29 13.00 -19.81
CA CYS A 9 -1.46 13.58 -18.47
C CYS A 9 -2.91 13.41 -17.95
N LEU A 10 -3.04 12.86 -16.75
CA LEU A 10 -4.36 12.66 -16.11
C LEU A 10 -5.17 13.95 -15.93
N VAL A 11 -4.49 15.06 -15.65
CA VAL A 11 -5.18 16.32 -15.41
C VAL A 11 -5.67 16.99 -16.71
N CYS A 12 -4.72 17.35 -17.58
CA CYS A 12 -5.03 18.11 -18.82
C CYS A 12 -5.24 17.25 -20.07
N ARG A 13 -5.01 15.92 -19.99
CA ARG A 13 -5.28 14.99 -21.11
C ARG A 13 -4.38 15.18 -22.36
N LYS A 14 -3.27 15.92 -22.24
CA LYS A 14 -2.33 16.10 -23.34
C LYS A 14 -1.04 15.35 -23.04
N GLY A 15 -0.31 15.04 -24.11
CA GLY A 15 0.97 14.32 -24.03
C GLY A 15 2.16 15.14 -24.50
N ASP A 16 1.98 16.46 -24.64
CA ASP A 16 3.07 17.37 -25.01
C ASP A 16 4.04 17.63 -23.85
N ASN A 17 5.19 18.25 -24.16
CA ASN A 17 6.24 18.61 -23.20
C ASN A 17 6.69 17.42 -22.35
N ASP A 18 7.07 16.36 -23.03
CA ASP A 18 7.31 15.08 -22.37
C ASP A 18 8.46 15.07 -21.34
N GLU A 19 9.41 16.02 -21.40
CA GLU A 19 10.42 16.14 -20.34
C GLU A 19 9.83 16.60 -19.00
N PHE A 20 8.62 17.18 -19.04
CA PHE A 20 7.87 17.57 -17.81
C PHE A 20 6.84 16.52 -17.34
N LEU A 21 6.74 15.40 -18.06
CA LEU A 21 5.64 14.46 -17.93
C LEU A 21 6.08 13.24 -17.13
N LEU A 22 5.67 13.17 -15.86
CA LEU A 22 5.94 12.02 -14.99
C LEU A 22 5.22 10.77 -15.47
N LEU A 23 5.89 9.62 -15.33
CA LEU A 23 5.31 8.32 -15.64
C LEU A 23 5.17 7.54 -14.33
N CYS A 24 4.00 6.98 -14.09
CA CYS A 24 3.72 6.26 -12.84
C CYS A 24 4.51 4.96 -12.78
N ASP A 25 5.15 4.69 -11.64
CA ASP A 25 5.88 3.42 -11.44
C ASP A 25 4.98 2.19 -11.16
N GLY A 26 3.66 2.38 -11.01
CA GLY A 26 2.73 1.27 -10.82
C GLY A 26 1.78 0.94 -11.97
N CYS A 27 1.72 1.79 -13.00
CA CYS A 27 0.79 1.63 -14.12
C CYS A 27 1.29 2.43 -15.31
N ASP A 28 0.48 2.56 -16.36
CA ASP A 28 0.89 3.30 -17.56
C ASP A 28 0.50 4.80 -17.58
N ARG A 29 0.08 5.35 -16.44
CA ARG A 29 -0.49 6.71 -16.39
C ARG A 29 0.60 7.76 -16.19
N GLY A 30 0.25 9.02 -16.39
CA GLY A 30 1.20 10.12 -16.26
C GLY A 30 0.61 11.41 -15.78
N CYS A 31 1.48 12.38 -15.51
CA CYS A 31 1.06 13.72 -15.07
C CYS A 31 2.19 14.74 -15.26
N HIS A 32 1.88 15.88 -15.91
CA HIS A 32 2.83 17.01 -16.01
C HIS A 32 3.13 17.53 -14.62
N ILE A 33 4.39 17.84 -14.33
CA ILE A 33 4.74 18.37 -13.01
C ILE A 33 4.00 19.70 -12.78
N TYR A 34 3.79 20.44 -13.85
CA TYR A 34 3.08 21.73 -13.79
C TYR A 34 1.56 21.64 -13.63
N CYS A 35 0.98 20.47 -13.90
CA CYS A 35 -0.44 20.21 -13.60
C CYS A 35 -0.68 19.64 -12.20
N HIS A 36 0.37 19.16 -11.53
CA HIS A 36 0.24 18.57 -10.17
C HIS A 36 -0.11 19.63 -9.12
N ARG A 37 -1.00 19.30 -8.20
CA ARG A 37 -1.33 20.13 -7.03
C ARG A 37 -1.39 19.14 -5.84
N PRO A 38 -0.59 19.32 -4.79
CA PRO A 38 0.27 20.47 -4.54
C PRO A 38 1.45 20.64 -5.50
N LYS A 39 2.06 21.82 -5.44
CA LYS A 39 3.09 22.23 -6.39
C LYS A 39 4.24 21.24 -6.46
N MET A 40 4.69 20.97 -7.68
CA MET A 40 5.82 20.09 -7.93
C MET A 40 6.77 20.85 -8.86
N GLU A 41 7.89 21.30 -8.30
CA GLU A 41 8.87 22.13 -9.02
C GLU A 41 9.73 21.37 -10.00
N ALA A 42 9.95 20.10 -9.75
CA ALA A 42 10.89 19.30 -10.53
C ALA A 42 10.48 17.82 -10.53
N VAL A 43 11.08 17.06 -11.43
CA VAL A 43 10.82 15.64 -11.55
C VAL A 43 11.55 14.99 -10.39
N PRO A 44 10.85 14.23 -9.51
CA PRO A 44 11.52 13.65 -8.33
C PRO A 44 12.47 12.49 -8.67
N GLU A 45 13.48 12.31 -7.83
CA GLU A 45 14.50 11.27 -8.01
C GLU A 45 14.01 9.85 -7.79
N GLY A 46 13.09 9.68 -6.84
CA GLY A 46 12.62 8.35 -6.45
C GLY A 46 11.37 7.94 -7.19
N ASP A 47 10.59 7.06 -6.57
CA ASP A 47 9.38 6.53 -7.18
C ASP A 47 8.22 7.48 -7.06
N TRP A 48 7.39 7.52 -8.11
CA TRP A 48 6.13 8.30 -8.10
C TRP A 48 4.95 7.40 -8.50
N PHE A 49 3.88 7.47 -7.71
CA PHE A 49 2.65 6.72 -7.93
C PHE A 49 1.50 7.66 -8.15
N CYS A 50 0.76 7.43 -9.23
CA CYS A 50 -0.48 8.16 -9.49
C CYS A 50 -1.57 7.83 -8.44
N THR A 51 -2.66 8.60 -8.50
CA THR A 51 -3.75 8.50 -7.53
C THR A 51 -4.55 7.20 -7.63
N VAL A 52 -4.54 6.59 -8.81
CA VAL A 52 -5.22 5.31 -9.01
C VAL A 52 -4.42 4.17 -8.32
N CYS A 53 -3.10 4.20 -8.48
CA CYS A 53 -2.22 3.28 -7.73
C CYS A 53 -2.24 3.53 -6.21
N LEU A 54 -2.29 4.80 -5.78
CA LEU A 54 -2.46 5.10 -4.36
C LEU A 54 -3.72 4.49 -3.75
N ALA A 55 -4.79 4.45 -4.53
CA ALA A 55 -6.05 3.84 -4.08
C ALA A 55 -5.97 2.31 -3.89
N GLN A 56 -4.95 1.64 -4.42
CA GLN A 56 -4.72 0.20 -4.22
C GLN A 56 -3.84 -0.13 -3.00
N GLN A 57 -3.13 0.86 -2.46
CA GLN A 57 -2.23 0.64 -1.32
C GLN A 57 -3.00 0.20 -0.06
N VAL A 58 -2.24 -0.35 0.89
CA VAL A 58 -2.75 -0.73 2.21
C VAL A 58 -1.67 -0.40 3.27
N LYS B 6 -0.73 -22.38 26.12
CA LYS B 6 -1.23 -21.15 25.44
C LYS B 6 -0.58 -20.98 24.07
N VAL B 7 -1.31 -20.33 23.17
CA VAL B 7 -0.79 -20.02 21.84
C VAL B 7 0.04 -18.74 21.91
N THR B 8 1.12 -18.72 21.13
CA THR B 8 1.93 -17.54 20.96
C THR B 8 1.93 -17.09 19.48
N CYS B 9 2.15 -15.79 19.30
CA CYS B 9 2.21 -15.17 17.98
C CYS B 9 3.50 -15.57 17.29
N LEU B 10 3.39 -15.96 16.02
CA LEU B 10 4.54 -16.34 15.20
C LEU B 10 5.56 -15.24 15.08
N VAL B 11 5.12 -13.98 15.05
CA VAL B 11 6.00 -12.85 14.82
C VAL B 11 6.69 -12.35 16.10
N CYS B 12 5.92 -11.98 17.12
CA CYS B 12 6.50 -11.40 18.35
C CYS B 12 6.71 -12.39 19.51
N ARG B 13 6.33 -13.66 19.32
CA ARG B 13 6.51 -14.72 20.33
C ARG B 13 5.72 -14.55 21.64
N LYS B 14 4.73 -13.66 21.67
CA LYS B 14 3.92 -13.43 22.88
C LYS B 14 2.48 -13.85 22.69
N GLY B 15 1.79 -14.08 23.81
CA GLY B 15 0.39 -14.52 23.82
C GLY B 15 -0.57 -13.56 24.49
N ASP B 16 -0.21 -12.28 24.55
CA ASP B 16 -1.04 -11.26 25.18
C ASP B 16 -2.10 -10.71 24.21
N ASN B 17 -3.03 -9.92 24.76
CA ASN B 17 -4.06 -9.23 23.98
C ASN B 17 -4.76 -10.22 23.05
N ASP B 18 -5.28 -11.31 23.62
CA ASP B 18 -5.75 -12.46 22.82
C ASP B 18 -7.05 -12.29 22.03
N GLU B 19 -7.78 -11.19 22.24
CA GLU B 19 -8.88 -10.81 21.34
C GLU B 19 -8.36 -10.45 19.91
N PHE B 20 -7.05 -10.15 19.82
CA PHE B 20 -6.39 -9.84 18.55
C PHE B 20 -5.50 -10.95 18.00
N LEU B 21 -5.45 -12.07 18.73
CA LEU B 21 -4.54 -13.15 18.45
C LEU B 21 -5.26 -14.17 17.58
N LEU B 22 -5.08 -14.02 16.27
CA LEU B 22 -5.70 -14.90 15.29
C LEU B 22 -5.09 -16.31 15.37
N LEU B 23 -5.96 -17.35 15.35
CA LEU B 23 -5.57 -18.75 15.49
C LEU B 23 -5.60 -19.50 14.15
N CYS B 24 -4.54 -20.26 13.85
CA CYS B 24 -4.46 -21.01 12.59
C CYS B 24 -5.39 -22.20 12.63
N ASP B 25 -6.17 -22.39 11.58
CA ASP B 25 -7.13 -23.50 11.50
C ASP B 25 -6.45 -24.85 11.21
N GLY B 26 -5.27 -24.81 10.61
CA GLY B 26 -4.49 -26.01 10.28
C GLY B 26 -3.60 -26.56 11.39
N CYS B 27 -3.17 -25.71 12.32
CA CYS B 27 -2.17 -26.11 13.33
C CYS B 27 -2.36 -25.38 14.69
N ASP B 28 -1.39 -25.52 15.59
CA ASP B 28 -1.45 -24.89 16.93
C ASP B 28 -0.92 -23.44 16.98
N ARG B 29 -0.71 -22.80 15.84
CA ARG B 29 0.02 -21.53 15.81
C ARG B 29 -0.92 -20.34 15.75
N GLY B 30 -0.39 -19.18 16.09
CA GLY B 30 -1.16 -17.93 16.05
C GLY B 30 -0.41 -16.77 15.42
N CYS B 31 -1.14 -15.66 15.25
CA CYS B 31 -0.54 -14.40 14.82
C CYS B 31 -1.44 -13.22 15.23
N HIS B 32 -0.90 -12.23 15.96
CA HIS B 32 -1.63 -10.98 16.24
C HIS B 32 -1.97 -10.30 14.91
N ILE B 33 -3.21 -9.81 14.71
CA ILE B 33 -3.50 -9.08 13.46
C ILE B 33 -2.61 -7.85 13.30
N TYR B 34 -2.22 -7.28 14.43
CA TYR B 34 -1.34 -6.11 14.45
C TYR B 34 0.14 -6.39 14.17
N CYS B 35 0.56 -7.65 14.18
CA CYS B 35 1.92 -8.06 13.80
C CYS B 35 2.01 -8.50 12.33
N HIS B 36 0.85 -8.70 11.69
CA HIS B 36 0.79 -9.12 10.29
C HIS B 36 1.23 -8.01 9.36
N ARG B 37 1.91 -8.41 8.28
CA ARG B 37 2.33 -7.49 7.20
C ARG B 37 2.17 -8.30 5.90
N PRO B 38 1.38 -7.84 4.93
CA PRO B 38 0.74 -6.54 4.90
C PRO B 38 -0.36 -6.31 5.96
N LYS B 39 -0.82 -5.07 6.04
CA LYS B 39 -1.72 -4.63 7.12
C LYS B 39 -3.01 -5.45 7.16
N MET B 40 -3.36 -5.88 8.35
CA MET B 40 -4.59 -6.66 8.62
C MET B 40 -5.36 -5.92 9.71
N GLU B 41 -6.37 -5.13 9.32
CA GLU B 41 -7.04 -4.28 10.31
C GLU B 41 -8.19 -4.95 11.12
N ALA B 42 -8.57 -6.17 10.76
CA ALA B 42 -9.63 -6.91 11.45
C ALA B 42 -9.38 -8.40 11.34
N VAL B 43 -9.92 -9.16 12.28
CA VAL B 43 -9.85 -10.61 12.25
C VAL B 43 -10.64 -11.10 11.03
N PRO B 44 -10.01 -11.86 10.12
CA PRO B 44 -10.78 -12.33 8.97
C PRO B 44 -11.82 -13.38 9.34
N GLU B 45 -12.91 -13.40 8.60
CA GLU B 45 -13.95 -14.39 8.76
C GLU B 45 -13.56 -15.69 8.04
N GLY B 46 -14.17 -16.78 8.46
CA GLY B 46 -13.92 -18.11 7.92
C GLY B 46 -12.55 -18.68 8.24
N ASP B 47 -12.05 -19.56 7.38
CA ASP B 47 -10.77 -20.23 7.61
C ASP B 47 -9.57 -19.29 7.42
N TRP B 48 -8.53 -19.42 8.26
CA TRP B 48 -7.21 -18.77 8.03
C TRP B 48 -6.06 -19.78 8.30
N PHE B 49 -5.12 -19.87 7.37
CA PHE B 49 -3.95 -20.77 7.46
C PHE B 49 -2.64 -19.99 7.52
N CYS B 50 -1.80 -20.34 8.51
CA CYS B 50 -0.50 -19.69 8.69
C CYS B 50 0.48 -20.04 7.54
N THR B 51 1.58 -19.29 7.46
CA THR B 51 2.58 -19.52 6.41
C THR B 51 3.27 -20.89 6.50
N VAL B 52 3.42 -21.40 7.72
CA VAL B 52 3.98 -22.74 7.94
C VAL B 52 3.07 -23.79 7.31
N CYS B 53 1.77 -23.73 7.59
CA CYS B 53 0.78 -24.64 6.97
C CYS B 53 0.77 -24.54 5.45
N LEU B 54 0.85 -23.30 4.93
CA LEU B 54 0.77 -23.06 3.50
C LEU B 54 2.05 -23.43 2.74
N ALA B 55 3.17 -23.55 3.44
CA ALA B 55 4.38 -24.16 2.89
C ALA B 55 4.31 -25.72 2.79
N GLN B 56 3.34 -26.34 3.48
CA GLN B 56 3.06 -27.79 3.38
C GLN B 56 1.95 -28.08 2.36
N LYS C 6 -1.78 21.75 14.10
CA LYS C 6 -3.02 22.21 13.39
C LYS C 6 -2.80 22.05 11.88
N VAL C 7 -3.35 20.99 11.31
CA VAL C 7 -3.05 20.62 9.91
C VAL C 7 -3.78 21.57 8.96
N THR C 8 -3.03 22.00 7.95
CA THR C 8 -3.52 22.91 6.92
C THR C 8 -3.23 22.35 5.50
N CYS C 9 -4.12 22.66 4.56
CA CYS C 9 -4.02 22.16 3.20
C CYS C 9 -3.01 22.99 2.40
N LEU C 10 -2.04 22.33 1.77
CA LEU C 10 -1.01 23.03 0.99
C LEU C 10 -1.59 23.82 -0.18
N VAL C 11 -2.72 23.39 -0.71
CA VAL C 11 -3.29 23.99 -1.93
C VAL C 11 -4.15 25.19 -1.59
N CYS C 12 -5.15 25.02 -0.75
CA CYS C 12 -6.08 26.12 -0.45
C CYS C 12 -5.75 26.87 0.85
N ARG C 13 -4.83 26.36 1.68
CA ARG C 13 -4.44 26.98 2.95
C ARG C 13 -5.47 27.03 4.07
N LYS C 14 -6.48 26.17 3.98
CA LYS C 14 -7.47 26.03 5.06
C LYS C 14 -7.31 24.71 5.81
N GLY C 15 -7.80 24.70 7.03
CA GLY C 15 -7.81 23.52 7.88
C GLY C 15 -9.19 22.98 8.18
N ASP C 16 -10.19 23.39 7.40
CA ASP C 16 -11.59 22.95 7.59
C ASP C 16 -11.81 21.55 7.00
N ASN C 17 -12.98 20.97 7.29
CA ASN C 17 -13.36 19.63 6.83
C ASN C 17 -12.23 18.61 7.04
N ASP C 18 -11.77 18.48 8.27
CA ASP C 18 -10.53 17.73 8.51
C ASP C 18 -10.63 16.20 8.33
N GLU C 19 -11.84 15.67 8.22
CA GLU C 19 -12.02 14.26 7.81
C GLU C 19 -11.58 14.01 6.35
N PHE C 20 -11.44 15.08 5.57
CA PHE C 20 -10.95 15.01 4.19
C PHE C 20 -9.50 15.48 4.02
N LEU C 21 -8.81 15.72 5.13
CA LEU C 21 -7.45 16.29 5.16
C LEU C 21 -6.43 15.19 5.38
N LEU C 22 -5.63 14.92 4.37
CA LEU C 22 -4.48 14.04 4.51
C LEU C 22 -3.39 14.75 5.28
N LEU C 23 -2.72 14.01 6.18
CA LEU C 23 -1.51 14.49 6.84
C LEU C 23 -0.31 13.70 6.29
N CYS C 24 0.73 14.39 5.82
CA CYS C 24 1.91 13.74 5.27
C CYS C 24 2.61 12.85 6.31
N ASP C 25 3.06 11.67 5.88
CA ASP C 25 3.82 10.77 6.77
C ASP C 25 5.25 11.21 7.08
N GLY C 26 5.80 12.13 6.28
CA GLY C 26 7.15 12.58 6.47
C GLY C 26 7.32 13.98 7.06
N CYS C 27 6.25 14.76 7.12
CA CYS C 27 6.34 16.11 7.71
C CYS C 27 4.98 16.54 8.22
N ASP C 28 4.84 17.81 8.61
CA ASP C 28 3.57 18.33 9.19
C ASP C 28 2.57 18.88 8.18
N ARG C 29 2.91 18.81 6.90
CA ARG C 29 2.09 19.40 5.85
C ARG C 29 0.87 18.51 5.53
N GLY C 30 -0.15 19.11 4.91
CA GLY C 30 -1.40 18.41 4.58
C GLY C 30 -2.02 18.79 3.23
N CYS C 31 -3.09 18.07 2.85
CA CYS C 31 -3.82 18.32 1.58
C CYS C 31 -5.22 17.73 1.63
N HIS C 32 -6.25 18.52 1.31
CA HIS C 32 -7.60 17.99 1.11
C HIS C 32 -7.58 17.04 -0.09
N ILE C 33 -8.26 15.90 0.01
CA ILE C 33 -8.38 14.99 -1.15
C ILE C 33 -9.08 15.64 -2.36
N TYR C 34 -10.04 16.53 -2.07
CA TYR C 34 -10.74 17.30 -3.12
C TYR C 34 -9.93 18.46 -3.76
N CYS C 35 -8.85 18.90 -3.12
CA CYS C 35 -7.91 19.88 -3.70
C CYS C 35 -6.74 19.25 -4.50
N HIS C 36 -6.50 17.95 -4.30
CA HIS C 36 -5.39 17.27 -4.97
C HIS C 36 -5.65 17.18 -6.49
N ARG C 37 -4.59 17.37 -7.30
CA ARG C 37 -4.63 17.12 -8.74
C ARG C 37 -3.37 16.33 -9.07
N PRO C 38 -3.48 15.13 -9.64
CA PRO C 38 -4.71 14.51 -10.12
C PRO C 38 -5.73 14.18 -9.03
N LYS C 39 -6.96 13.95 -9.45
CA LYS C 39 -8.08 13.82 -8.52
C LYS C 39 -8.05 12.54 -7.67
N MET C 40 -8.49 12.69 -6.42
CA MET C 40 -8.58 11.57 -5.48
C MET C 40 -10.03 11.42 -5.08
N GLU C 41 -10.55 10.20 -5.14
CA GLU C 41 -11.95 9.94 -4.73
C GLU C 41 -12.11 9.76 -3.21
N ALA C 42 -11.03 9.33 -2.55
CA ALA C 42 -11.09 8.91 -1.15
C ALA C 42 -9.70 9.01 -0.50
N VAL C 43 -9.67 8.88 0.83
CA VAL C 43 -8.42 8.98 1.59
C VAL C 43 -7.65 7.67 1.34
N PRO C 44 -6.42 7.74 0.81
CA PRO C 44 -5.74 6.45 0.61
C PRO C 44 -5.26 5.84 1.93
N GLU C 45 -5.11 4.52 1.92
CA GLU C 45 -4.55 3.81 3.03
C GLU C 45 -3.04 3.78 2.91
N GLY C 46 -2.39 3.37 4.01
CA GLY C 46 -0.93 3.33 4.11
C GLY C 46 -0.28 4.70 4.07
N ASP C 47 0.98 4.76 3.66
CA ASP C 47 1.74 6.03 3.61
C ASP C 47 1.36 6.94 2.43
N TRP C 48 1.24 8.24 2.72
CA TRP C 48 1.15 9.32 1.71
C TRP C 48 2.24 10.37 2.02
N PHE C 49 3.00 10.76 1.00
CA PHE C 49 4.08 11.74 1.10
C PHE C 49 3.77 12.97 0.23
N CYS C 50 3.91 14.17 0.82
CA CYS C 50 3.70 15.43 0.09
C CYS C 50 4.82 15.68 -0.91
N THR C 51 4.65 16.69 -1.75
CA THR C 51 5.64 17.01 -2.80
C THR C 51 7.00 17.49 -2.27
N VAL C 52 7.01 18.15 -1.12
CA VAL C 52 8.25 18.60 -0.49
C VAL C 52 9.08 17.40 -0.07
N CYS C 53 8.46 16.47 0.66
CA CYS C 53 9.06 15.17 0.99
C CYS C 53 9.52 14.35 -0.22
N LEU C 54 8.71 14.27 -1.27
CA LEU C 54 9.11 13.59 -2.51
C LEU C 54 10.35 14.18 -3.12
N ALA C 55 10.53 15.48 -3.02
CA ALA C 55 11.71 16.14 -3.55
C ALA C 55 12.99 15.94 -2.72
N GLN C 56 12.89 15.39 -1.51
CA GLN C 56 14.03 15.16 -0.60
C GLN C 56 14.98 14.06 -1.05
N GLN C 57 14.39 12.94 -1.48
CA GLN C 57 15.14 11.73 -1.89
C GLN C 57 16.17 11.99 -3.00
N LYS D 6 2.43 -3.81 -13.96
CA LYS D 6 3.60 -3.74 -13.02
C LYS D 6 3.13 -4.05 -11.59
N VAL D 7 3.47 -5.24 -11.09
CA VAL D 7 3.10 -5.63 -9.73
C VAL D 7 4.00 -4.90 -8.74
N THR D 8 3.40 -4.44 -7.65
CA THR D 8 4.09 -3.72 -6.57
C THR D 8 3.80 -4.41 -5.22
N CYS D 9 4.80 -4.43 -4.34
CA CYS D 9 4.68 -5.05 -3.03
C CYS D 9 3.89 -4.15 -2.08
N LEU D 10 2.86 -4.70 -1.46
CA LEU D 10 2.05 -3.92 -0.50
C LEU D 10 2.85 -3.39 0.68
N VAL D 11 3.88 -4.13 1.08
CA VAL D 11 4.65 -3.78 2.28
C VAL D 11 5.66 -2.67 1.99
N CYS D 12 6.55 -2.89 1.03
CA CYS D 12 7.65 -1.95 0.77
C CYS D 12 7.45 -1.02 -0.43
N ARG D 13 6.34 -1.15 -1.16
N ARG D 13 6.34 -1.15 -1.16
CA ARG D 13 6.00 -0.26 -2.28
CA ARG D 13 6.01 -0.30 -2.33
C ARG D 13 6.92 -0.37 -3.52
C ARG D 13 6.98 -0.35 -3.50
N LYS D 14 7.71 -1.43 -3.64
CA LYS D 14 8.64 -1.59 -4.76
C LYS D 14 8.27 -2.81 -5.58
N GLY D 15 8.65 -2.77 -6.86
CA GLY D 15 8.36 -3.81 -7.83
C GLY D 15 9.59 -4.57 -8.30
N ASP D 16 10.70 -4.47 -7.56
CA ASP D 16 11.97 -5.13 -7.94
C ASP D 16 11.98 -6.63 -7.53
N ASN D 17 12.97 -7.37 -8.03
CA ASN D 17 13.17 -8.79 -7.70
C ASN D 17 11.93 -9.66 -7.88
N ASP D 18 11.39 -9.70 -9.10
CA ASP D 18 10.04 -10.25 -9.31
C ASP D 18 9.89 -11.78 -9.20
N GLU D 19 10.99 -12.55 -9.25
CA GLU D 19 10.93 -13.98 -8.86
C GLU D 19 10.59 -14.19 -7.38
N PHE D 20 10.77 -13.16 -6.55
CA PHE D 20 10.35 -13.19 -5.12
C PHE D 20 9.00 -12.50 -4.84
N LEU D 21 8.34 -12.00 -5.88
CA LEU D 21 7.15 -11.16 -5.75
C LEU D 21 5.85 -11.94 -6.02
N LEU D 22 5.07 -12.17 -4.96
CA LEU D 22 3.81 -12.93 -5.08
C LEU D 22 2.76 -12.06 -5.74
N LEU D 23 1.90 -12.67 -6.54
CA LEU D 23 0.76 -11.99 -7.13
C LEU D 23 -0.48 -12.61 -6.48
N CYS D 24 -1.34 -11.77 -5.91
CA CYS D 24 -2.53 -12.27 -5.24
C CYS D 24 -3.42 -13.06 -6.19
N ASP D 25 -3.93 -14.18 -5.71
CA ASP D 25 -4.89 -14.97 -6.49
C ASP D 25 -6.31 -14.40 -6.54
N GLY D 26 -6.57 -13.27 -5.86
CA GLY D 26 -7.88 -12.63 -5.85
C GLY D 26 -7.97 -11.23 -6.44
N CYS D 27 -6.81 -10.58 -6.68
CA CYS D 27 -6.74 -9.19 -7.18
C CYS D 27 -5.34 -8.88 -7.80
N ASP D 28 -5.09 -7.62 -8.15
CA ASP D 28 -3.80 -7.21 -8.79
C ASP D 28 -2.63 -6.92 -7.86
N ARG D 29 -2.86 -7.02 -6.56
CA ARG D 29 -1.86 -6.61 -5.58
C ARG D 29 -0.83 -7.71 -5.40
N GLY D 30 0.29 -7.37 -4.78
CA GLY D 30 1.39 -8.30 -4.57
C GLY D 30 2.11 -8.13 -3.25
N CYS D 31 3.08 -9.01 -3.00
CA CYS D 31 3.90 -8.95 -1.80
C CYS D 31 5.17 -9.80 -1.99
N HIS D 32 6.33 -9.23 -1.67
CA HIS D 32 7.59 -10.01 -1.64
C HIS D 32 7.49 -11.08 -0.56
N ILE D 33 8.00 -12.28 -0.85
CA ILE D 33 8.02 -13.34 0.19
C ILE D 33 8.84 -12.93 1.41
N TYR D 34 9.90 -12.15 1.18
CA TYR D 34 10.75 -11.62 2.26
C TYR D 34 10.17 -10.43 3.04
N CYS D 35 9.13 -9.77 2.52
CA CYS D 35 8.42 -8.72 3.27
C CYS D 35 7.24 -9.23 4.11
N HIS D 36 6.70 -10.41 3.80
CA HIS D 36 5.52 -10.96 4.51
C HIS D 36 5.84 -11.26 5.98
N ARG D 37 4.86 -11.02 6.84
CA ARG D 37 4.92 -11.38 8.25
C ARG D 37 3.49 -11.92 8.54
N PRO D 38 3.37 -13.18 8.98
CA PRO D 38 4.48 -14.09 9.32
C PRO D 38 5.37 -14.46 8.14
N LYS D 39 6.57 -14.93 8.47
CA LYS D 39 7.62 -15.16 7.49
C LYS D 39 7.40 -16.35 6.56
N MET D 40 7.89 -16.19 5.33
CA MET D 40 7.90 -17.24 4.31
C MET D 40 9.36 -17.49 3.93
N GLU D 41 9.67 -18.76 3.67
CA GLU D 41 10.99 -19.19 3.18
C GLU D 41 11.05 -19.33 1.65
N ALA D 42 9.89 -19.51 1.00
CA ALA D 42 9.83 -19.73 -0.44
C ALA D 42 8.42 -19.46 -0.91
N VAL D 43 8.22 -19.52 -2.22
CA VAL D 43 6.90 -19.28 -2.82
C VAL D 43 6.01 -20.48 -2.50
N PRO D 44 4.86 -20.25 -1.83
CA PRO D 44 3.99 -21.39 -1.53
C PRO D 44 3.42 -22.08 -2.78
N GLU D 45 3.06 -23.36 -2.64
CA GLU D 45 2.55 -24.17 -3.75
C GLU D 45 1.08 -23.89 -4.06
N GLY D 46 0.27 -23.72 -3.01
CA GLY D 46 -1.16 -23.40 -3.15
C GLY D 46 -1.40 -21.91 -3.28
N ASP D 47 -2.65 -21.49 -3.13
CA ASP D 47 -3.05 -20.10 -3.38
C ASP D 47 -2.60 -19.18 -2.27
N TRP D 48 -2.28 -17.92 -2.62
CA TRP D 48 -1.95 -16.88 -1.65
C TRP D 48 -2.89 -15.67 -1.84
N PHE D 49 -3.44 -15.18 -0.74
CA PHE D 49 -4.35 -14.02 -0.76
C PHE D 49 -3.78 -12.87 0.06
N CYS D 50 -3.85 -11.66 -0.51
CA CYS D 50 -3.45 -10.44 0.18
C CYS D 50 -4.50 -10.15 1.27
N THR D 51 -4.20 -9.20 2.15
CA THR D 51 -5.11 -8.87 3.26
C THR D 51 -6.41 -8.17 2.81
N VAL D 52 -6.41 -7.51 1.66
CA VAL D 52 -7.67 -6.93 1.16
C VAL D 52 -8.62 -8.07 0.79
N CYS D 53 -8.10 -9.08 0.12
CA CYS D 53 -8.86 -10.28 -0.21
C CYS D 53 -9.31 -11.09 1.03
N LEU D 54 -8.45 -11.22 2.04
CA LEU D 54 -8.84 -11.91 3.28
C LEU D 54 -10.04 -11.23 3.94
N ALA D 55 -10.09 -9.89 3.86
CA ALA D 55 -11.18 -9.10 4.44
C ALA D 55 -12.53 -9.22 3.69
N GLN D 56 -12.52 -9.78 2.49
CA GLN D 56 -13.74 -10.12 1.71
C GLN D 56 -14.31 -11.51 2.03
N GLN D 57 -13.54 -12.40 2.66
CA GLN D 57 -14.01 -13.77 2.94
C GLN D 57 -15.15 -13.81 3.95
N VAL D 58 -15.85 -14.95 3.97
CA VAL D 58 -16.88 -15.25 4.99
C VAL D 58 -16.70 -16.66 5.55
N ALA E 1 12.20 9.30 -10.60
CA ALA E 1 11.02 9.02 -11.47
C ALA E 1 11.34 9.26 -12.95
N ARG E 2 10.63 8.55 -13.82
CA ARG E 2 10.87 8.56 -15.26
C ARG E 2 9.97 9.59 -15.98
N 9AT E 3 10.41 10.08 -17.13
CA 9AT E 3 9.70 11.13 -17.90
C 9AT E 3 9.51 10.80 -19.38
O 9AT E 3 10.33 10.08 -19.95
CB 9AT E 3 10.32 12.52 -17.76
OG1 9AT E 3 11.74 12.42 -17.87
CG2 9AT E 3 9.92 13.21 -16.47
NXT 9AT E 3 8.47 11.33 -20.00
N ALA F 1 -12.41 -16.78 11.30
CA ALA F 1 -11.36 -17.42 12.16
C ALA F 1 -11.58 -17.12 13.64
N ARG F 2 -10.97 -17.94 14.49
CA ARG F 2 -11.12 -17.82 15.95
C ARG F 2 -9.92 -17.04 16.53
N 9AT F 3 -10.01 -16.66 17.82
CA 9AT F 3 -9.02 -15.84 18.51
C 9AT F 3 -8.62 -16.44 19.87
O 9AT F 3 -9.44 -17.14 20.50
CB 9AT F 3 -9.45 -14.38 18.70
OG1 9AT F 3 -10.78 -14.31 19.23
CG2 9AT F 3 -9.29 -13.56 17.43
NXT 9AT F 3 -7.41 -16.19 20.32
N ALA G 1 1.26 -20.91 -5.58
CA ALA G 1 1.16 -19.44 -5.82
C ALA G 1 1.88 -19.03 -7.11
N ARG G 2 1.50 -17.89 -7.66
CA ARG G 2 2.09 -17.33 -8.88
C ARG G 2 3.00 -16.13 -8.54
N 9AT G 3 4.03 -15.89 -9.37
CA 9AT G 3 5.06 -14.87 -9.10
C 9AT G 3 5.33 -13.94 -10.30
O 9AT G 3 5.13 -14.33 -11.45
CB 9AT G 3 6.39 -15.47 -8.62
OG1 9AT G 3 6.70 -16.63 -9.39
CG2 9AT G 3 6.35 -15.81 -7.14
NXT 9AT G 3 5.80 -12.74 -10.02
ZN ZN H . -0.99 18.19 -17.84
ZN ZN I . -0.46 4.46 -11.41
P PO4 J . -4.25 27.16 -9.57
O1 PO4 J . -3.26 27.33 -10.71
O2 PO4 J . -3.93 25.90 -8.80
O3 PO4 J . -5.65 27.05 -10.11
O4 PO4 J . -4.12 28.35 -8.63
ZN ZN K . 2.52 -10.56 17.81
ZN ZN L . -0.73 -23.36 10.68
P PO4 M . 6.55 -1.38 10.78
O1 PO4 M . 6.49 -0.10 9.98
O2 PO4 M . 7.98 -1.66 11.16
O3 PO4 M . 6.09 -2.53 9.92
O4 PO4 M . 5.69 -1.23 12.02
ZN ZN N . -7.61 22.36 0.36
ZN ZN O . 5.83 15.97 3.67
C1 GOL P . -12.86 20.46 -10.91
O1 GOL P . -14.06 21.20 -10.59
C2 GOL P . -12.14 21.07 -12.12
O2 GOL P . -12.47 20.33 -13.29
C3 GOL P . -10.62 21.04 -11.98
O3 GOL P . -10.11 22.27 -11.46
ZN ZN Q . 8.41 -5.84 -0.50
ZN ZN R . -5.86 -9.57 -3.15
P PO4 S . 11.94 -9.02 11.65
O1 PO4 S . 12.70 -9.40 10.40
O2 PO4 S . 11.93 -7.51 11.80
O3 PO4 S . 10.51 -9.49 11.55
O4 PO4 S . 12.59 -9.68 12.84
#